data_9L04
#
_entry.id   9L04
#
_cell.length_a   59.037
_cell.length_b   86.424
_cell.length_c   140.098
_cell.angle_alpha   90.000
_cell.angle_beta   90.000
_cell.angle_gamma   90.000
#
_symmetry.space_group_name_H-M   'C 2 2 21'
#
loop_
_entity.id
_entity.type
_entity.pdbx_description
1 polymer 'Activin receptor type-1'
2 non-polymer 4-(1-ethyl-3-pyridin-3-yl-pyrazol-4-yl)-~{N}-[4-[4-(oxetan-3-yl)piperazin-1-yl]phenyl]pyrimidin-2-amine
3 non-polymer 'SULFATE ION'
4 water water
#
_entity_poly.entity_id   1
_entity_poly.type   'polypeptide(L)'
_entity_poly.pdbx_seq_one_letter_code
;SMQRTVAHQITLLECVGKGRYGEVWRGSWQGENVAVKIFSSRDEKSWFRETELYNTVMLRHENILGFIASDMTSRHSSTQ
LWLITHYHEMGSLYDYLQLTTLDTVSCLRIVLSIASGLAHLHIEIFGTQGKPAIAHRDLKSKNILVKKNGQCCIADLGLA
VMHSQSTNQLDVGNNPRVGTKRYMAPEVLDETIQVDCFDSYKRVDIWAFGLVLWEVARRMVSNGIVEDYKPPFYDVVPND
PSFEDMRKVVCVDQQRPNIPNRWFSDPTLTSLAKLMKECWYQNPSARLTALRIKKTLTKID
;
_entity_poly.pdbx_strand_id   A
#
# COMPACT_ATOMS: atom_id res chain seq x y z
N THR A 5 13.93 9.28 -26.24
CA THR A 5 14.66 9.07 -25.01
C THR A 5 13.70 8.71 -23.85
N VAL A 6 14.27 8.38 -22.68
CA VAL A 6 13.53 8.18 -21.42
C VAL A 6 13.09 6.72 -21.27
N ALA A 7 12.64 6.11 -22.37
CA ALA A 7 12.19 4.72 -22.37
C ALA A 7 12.93 3.94 -23.44
N HIS A 8 13.34 4.67 -24.48
CA HIS A 8 14.24 4.12 -25.47
C HIS A 8 15.66 4.01 -24.93
N GLN A 9 15.97 4.76 -23.86
CA GLN A 9 17.23 4.65 -23.13
C GLN A 9 17.25 3.49 -22.15
N ILE A 10 16.25 2.61 -22.17
CA ILE A 10 16.09 1.57 -21.16
C ILE A 10 16.04 0.21 -21.83
N THR A 11 16.81 -0.73 -21.29
CA THR A 11 16.79 -2.12 -21.71
C THR A 11 16.00 -2.93 -20.69
N LEU A 12 14.91 -3.54 -21.13
CA LEU A 12 14.15 -4.44 -20.27
C LEU A 12 14.93 -5.75 -20.15
N LEU A 13 15.44 -6.04 -18.97
CA LEU A 13 16.29 -7.21 -18.75
C LEU A 13 15.47 -8.47 -18.44
N GLU A 14 14.74 -8.48 -17.33
CA GLU A 14 13.84 -9.59 -17.04
C GLU A 14 12.50 -9.08 -16.50
N CYS A 15 11.44 -9.82 -16.80
CA CYS A 15 10.10 -9.47 -16.33
C CYS A 15 9.87 -10.23 -15.04
N VAL A 16 9.73 -9.50 -13.93
CA VAL A 16 9.65 -10.12 -12.62
C VAL A 16 8.21 -10.27 -12.14
N GLY A 17 7.23 -9.88 -12.94
CA GLY A 17 5.85 -10.01 -12.54
C GLY A 17 4.86 -9.66 -13.62
N LYS A 18 3.78 -10.43 -13.69
CA LYS A 18 2.70 -10.21 -14.63
C LYS A 18 1.39 -10.47 -13.91
N GLY A 19 0.44 -9.55 -14.06
CA GLY A 19 -0.84 -9.69 -13.42
C GLY A 19 -1.82 -8.66 -13.95
N ARG A 20 -2.97 -8.55 -13.29
CA ARG A 20 -3.99 -7.61 -13.72
C ARG A 20 -3.40 -6.20 -13.90
N TYR A 21 -2.57 -5.79 -12.95
CA TYR A 21 -1.84 -4.53 -13.05
C TYR A 21 -0.95 -4.39 -14.29
N GLY A 22 -0.77 -5.44 -15.09
CA GLY A 22 0.13 -5.40 -16.24
C GLY A 22 1.43 -6.14 -15.91
N GLU A 23 2.56 -5.49 -16.17
CA GLU A 23 3.87 -6.12 -16.04
C GLU A 23 4.88 -5.22 -15.33
N VAL A 24 5.72 -5.83 -14.51
CA VAL A 24 6.86 -5.16 -13.90
C VAL A 24 8.13 -5.82 -14.42
N TRP A 25 9.08 -5.00 -14.78
CA TRP A 25 10.33 -5.46 -15.36
C TRP A 25 11.49 -4.88 -14.58
N ARG A 26 12.51 -5.70 -14.36
CA ARG A 26 13.84 -5.17 -14.06
C ARG A 26 14.47 -4.71 -15.37
N GLY A 27 15.13 -3.56 -15.33
CA GLY A 27 15.68 -2.98 -16.54
C GLY A 27 16.88 -2.13 -16.21
N SER A 28 17.65 -1.81 -17.23
CA SER A 28 18.82 -0.96 -17.07
C SER A 28 18.56 0.41 -17.68
N TRP A 29 18.99 1.44 -16.97
CA TRP A 29 19.01 2.80 -17.46
C TRP A 29 20.36 3.37 -17.06
N GLN A 30 21.22 3.67 -18.04
CA GLN A 30 22.59 4.06 -17.75
C GLN A 30 23.35 2.93 -17.05
N GLY A 31 23.04 1.68 -17.41
CA GLY A 31 23.60 0.56 -16.68
C GLY A 31 23.15 0.46 -15.25
N GLU A 32 22.01 1.07 -14.93
CA GLU A 32 21.46 1.12 -13.59
C GLU A 32 20.20 0.26 -13.51
N ASN A 33 20.01 -0.40 -12.38
CA ASN A 33 18.77 -1.15 -12.16
C ASN A 33 17.61 -0.18 -11.93
N VAL A 34 16.53 -0.36 -12.68
CA VAL A 34 15.29 0.36 -12.49
C VAL A 34 14.14 -0.65 -12.55
N ALA A 35 13.04 -0.33 -11.88
CA ALA A 35 11.79 -1.02 -12.11
C ALA A 35 11.04 -0.30 -13.24
N VAL A 36 10.42 -1.08 -14.10
CA VAL A 36 9.58 -0.56 -15.17
C VAL A 36 8.24 -1.28 -15.07
N LYS A 37 7.21 -0.54 -14.70
CA LYS A 37 5.85 -1.03 -14.77
C LYS A 37 5.27 -0.68 -16.14
N ILE A 38 4.77 -1.68 -16.84
CA ILE A 38 4.08 -1.50 -18.12
C ILE A 38 2.60 -1.69 -17.84
N PHE A 39 1.81 -0.64 -18.04
CA PHE A 39 0.43 -0.66 -17.61
C PHE A 39 -0.43 -1.48 -18.57
N SER A 40 -1.39 -2.21 -18.01
CA SER A 40 -2.30 -2.93 -18.87
C SER A 40 -3.15 -1.93 -19.64
N SER A 41 -3.56 -2.31 -20.85
CA SER A 41 -4.31 -1.38 -21.70
C SER A 41 -5.60 -0.91 -21.03
N ARG A 42 -6.17 -1.71 -20.13
CA ARG A 42 -7.39 -1.33 -19.43
C ARG A 42 -7.19 -0.22 -18.41
N ASP A 43 -5.94 0.19 -18.18
CA ASP A 43 -5.57 0.86 -16.95
C ASP A 43 -4.77 2.13 -17.22
N GLU A 44 -5.08 2.80 -18.33
CA GLU A 44 -4.33 4.00 -18.67
C GLU A 44 -4.58 5.12 -17.67
N LYS A 45 -5.76 5.14 -17.01
CA LYS A 45 -6.02 6.24 -16.06
C LYS A 45 -5.18 6.13 -14.80
N SER A 46 -4.79 4.91 -14.40
CA SER A 46 -3.85 4.76 -13.29
C SER A 46 -2.49 5.29 -13.67
N TRP A 47 -2.00 4.90 -14.87
CA TRP A 47 -0.76 5.49 -15.38
C TRP A 47 -0.84 7.01 -15.43
N PHE A 48 -1.95 7.55 -15.92
CA PHE A 48 -2.04 9.00 -16.04
C PHE A 48 -2.04 9.66 -14.67
N ARG A 49 -2.82 9.11 -13.73
CA ARG A 49 -2.90 9.66 -12.39
C ARG A 49 -1.53 9.62 -11.71
N GLU A 50 -0.81 8.49 -11.81
CA GLU A 50 0.49 8.40 -11.17
C GLU A 50 1.50 9.32 -11.85
N THR A 51 1.49 9.36 -13.19
CA THR A 51 2.31 10.34 -13.88
C THR A 51 1.92 11.74 -13.44
N GLU A 52 0.62 12.00 -13.27
CA GLU A 52 0.17 13.33 -12.88
C GLU A 52 0.73 13.71 -11.52
N LEU A 53 0.62 12.80 -10.56
CA LEU A 53 1.12 12.99 -9.21
C LEU A 53 2.62 13.25 -9.22
N TYR A 54 3.40 12.23 -9.59
CA TYR A 54 4.86 12.31 -9.45
C TYR A 54 5.45 13.43 -10.30
N ASN A 55 4.70 13.98 -11.24
CA ASN A 55 5.18 15.08 -12.06
C ASN A 55 4.81 16.46 -11.51
N THR A 56 3.63 16.59 -10.91
CA THR A 56 3.17 17.88 -10.43
C THR A 56 3.42 18.09 -8.96
N VAL A 57 3.98 17.10 -8.27
CA VAL A 57 4.19 17.17 -6.84
C VAL A 57 5.63 16.75 -6.54
N MET A 58 6.21 17.37 -5.54
CA MET A 58 7.54 16.98 -5.07
C MET A 58 7.36 15.80 -4.11
N LEU A 59 7.16 14.61 -4.67
CA LEU A 59 6.83 13.43 -3.87
C LEU A 59 8.08 12.56 -3.81
N ARG A 60 8.88 12.76 -2.75
CA ARG A 60 10.08 11.97 -2.53
C ARG A 60 10.20 11.64 -1.05
N HIS A 61 10.45 10.37 -0.73
CA HIS A 61 10.50 9.96 0.66
C HIS A 61 11.13 8.58 0.74
N GLU A 62 11.88 8.34 1.82
CA GLU A 62 12.52 7.05 2.03
C GLU A 62 11.55 5.90 1.80
N ASN A 63 10.30 6.05 2.26
CA ASN A 63 9.36 4.94 2.32
C ASN A 63 8.26 5.05 1.26
N ILE A 64 8.52 5.79 0.20
CA ILE A 64 7.64 5.84 -0.96
C ILE A 64 8.48 5.47 -2.17
N LEU A 65 8.01 4.51 -2.97
CA LEU A 65 8.71 4.09 -4.18
C LEU A 65 9.20 5.31 -4.95
N GLY A 66 10.52 5.36 -5.16
CA GLY A 66 11.15 6.52 -5.76
C GLY A 66 10.94 6.61 -7.25
N PHE A 67 10.37 7.72 -7.70
CA PHE A 67 10.03 7.96 -9.09
C PHE A 67 11.26 8.37 -9.89
N ILE A 68 11.38 7.83 -11.09
CA ILE A 68 12.41 8.22 -12.03
C ILE A 68 11.81 8.91 -13.26
N ALA A 69 10.83 8.28 -13.89
CA ALA A 69 10.24 8.86 -15.09
C ALA A 69 8.99 8.09 -15.48
N SER A 70 8.19 8.73 -16.32
CA SER A 70 7.07 8.10 -16.98
C SER A 70 7.25 8.33 -18.47
N ASP A 71 6.77 7.39 -19.29
CA ASP A 71 6.95 7.59 -20.72
C ASP A 71 5.95 6.74 -21.50
N MET A 72 5.70 7.17 -22.74
CA MET A 72 4.98 6.40 -23.74
C MET A 72 5.96 5.92 -24.80
N THR A 73 5.66 4.74 -25.36
CA THR A 73 6.57 4.10 -26.30
C THR A 73 5.80 3.04 -27.07
N SER A 74 6.34 2.67 -28.23
CA SER A 74 5.71 1.66 -29.08
C SER A 74 6.46 0.35 -28.92
N ARG A 75 5.71 -0.74 -28.88
CA ARG A 75 6.29 -2.07 -28.83
C ARG A 75 5.25 -3.02 -29.39
N HIS A 76 5.63 -3.83 -30.37
CA HIS A 76 4.69 -4.73 -31.04
C HIS A 76 3.56 -3.93 -31.67
N SER A 77 3.91 -2.78 -32.24
CA SER A 77 2.95 -1.97 -32.99
C SER A 77 1.76 -1.54 -32.14
N SER A 78 2.03 -1.18 -30.88
CA SER A 78 0.99 -0.72 -29.96
C SER A 78 1.61 0.22 -28.94
N THR A 79 0.78 1.12 -28.40
CA THR A 79 1.24 2.05 -27.38
C THR A 79 1.35 1.33 -26.03
N GLN A 80 2.48 1.52 -25.36
CA GLN A 80 2.65 1.07 -23.98
C GLN A 80 2.89 2.27 -23.09
N LEU A 81 2.29 2.26 -21.90
CA LEU A 81 2.49 3.30 -20.90
C LEU A 81 3.46 2.76 -19.85
N TRP A 82 4.54 3.48 -19.63
CA TRP A 82 5.62 3.07 -18.74
C TRP A 82 5.75 4.00 -17.54
N LEU A 83 5.96 3.42 -16.37
CA LEU A 83 6.38 4.14 -15.18
C LEU A 83 7.67 3.51 -14.69
N ILE A 84 8.74 4.31 -14.58
CA ILE A 84 10.07 3.85 -14.25
C ILE A 84 10.42 4.37 -12.86
N THR A 85 10.86 3.46 -11.99
CA THR A 85 11.15 3.82 -10.60
C THR A 85 12.39 3.07 -10.14
N HIS A 86 12.86 3.45 -8.95
CA HIS A 86 13.91 2.70 -8.30
C HIS A 86 13.58 1.22 -8.35
N TYR A 87 14.61 0.39 -8.31
CA TYR A 87 14.45 -1.05 -8.33
C TYR A 87 14.78 -1.60 -6.95
N HIS A 88 13.92 -2.48 -6.44
CA HIS A 88 14.14 -3.12 -5.15
C HIS A 88 14.12 -4.64 -5.36
N GLU A 89 15.30 -5.25 -5.23
CA GLU A 89 15.46 -6.65 -5.61
C GLU A 89 14.66 -7.59 -4.72
N MET A 90 14.47 -7.25 -3.44
CA MET A 90 13.76 -8.15 -2.54
C MET A 90 12.28 -8.29 -2.87
N GLY A 91 11.72 -7.35 -3.64
CA GLY A 91 10.34 -7.51 -4.10
C GLY A 91 9.30 -7.12 -3.06
N SER A 92 8.11 -7.70 -3.20
CA SER A 92 6.97 -7.22 -2.45
C SER A 92 6.99 -7.78 -1.02
N LEU A 93 6.51 -6.96 -0.09
CA LEU A 93 6.28 -7.42 1.28
C LEU A 93 5.42 -8.67 1.29
N TYR A 94 4.47 -8.77 0.37
CA TYR A 94 3.63 -9.97 0.29
C TYR A 94 4.49 -11.21 0.05
N ASP A 95 5.39 -11.15 -0.93
CA ASP A 95 6.24 -12.31 -1.20
C ASP A 95 7.31 -12.48 -0.15
N TYR A 96 7.78 -11.37 0.41
CA TYR A 96 8.75 -11.45 1.49
C TYR A 96 8.20 -12.22 2.68
N LEU A 97 6.92 -12.01 3.00
CA LEU A 97 6.39 -12.64 4.21
C LEU A 97 6.24 -14.15 4.04
N GLN A 98 6.42 -14.67 2.84
CA GLN A 98 6.45 -16.12 2.66
C GLN A 98 7.87 -16.66 2.63
N LEU A 99 8.80 -15.85 2.13
CA LEU A 99 10.21 -16.22 2.11
C LEU A 99 10.92 -16.11 3.47
N THR A 100 10.27 -15.60 4.53
CA THR A 100 11.01 -15.49 5.79
C THR A 100 10.11 -15.15 6.97
N THR A 101 10.59 -15.49 8.17
CA THR A 101 10.01 -15.06 9.44
C THR A 101 10.77 -13.85 9.98
N LEU A 102 10.22 -13.24 11.04
CA LEU A 102 10.70 -11.97 11.56
C LEU A 102 10.98 -12.08 13.05
N ASP A 103 12.08 -11.45 13.47
CA ASP A 103 12.32 -11.17 14.87
C ASP A 103 11.58 -9.87 15.24
N THR A 104 11.72 -9.43 16.50
CA THR A 104 11.01 -8.22 16.91
C THR A 104 11.56 -6.97 16.18
N VAL A 105 12.88 -6.88 16.01
CA VAL A 105 13.43 -5.68 15.41
C VAL A 105 13.00 -5.55 13.96
N SER A 106 12.98 -6.65 13.23
CA SER A 106 12.67 -6.54 11.81
C SER A 106 11.17 -6.39 11.56
N CYS A 107 10.33 -6.96 12.43
CA CYS A 107 8.90 -6.72 12.32
C CYS A 107 8.58 -5.23 12.55
N LEU A 108 9.18 -4.64 13.59
CA LEU A 108 8.91 -3.23 13.92
C LEU A 108 9.48 -2.31 12.86
N ARG A 109 10.72 -2.55 12.43
CA ARG A 109 11.26 -1.80 11.30
C ARG A 109 10.26 -1.76 10.14
N ILE A 110 9.74 -2.93 9.74
CA ILE A 110 8.82 -3.00 8.59
C ILE A 110 7.58 -2.13 8.82
N VAL A 111 6.85 -2.39 9.91
CA VAL A 111 5.57 -1.70 10.06
C VAL A 111 5.78 -0.21 10.31
N LEU A 112 6.88 0.17 10.96
CA LEU A 112 7.10 1.59 11.21
C LEU A 112 7.45 2.32 9.92
N SER A 113 8.28 1.71 9.07
CA SER A 113 8.58 2.32 7.79
C SER A 113 7.29 2.55 7.00
N ILE A 114 6.40 1.56 7.00
CA ILE A 114 5.14 1.70 6.27
C ILE A 114 4.34 2.85 6.84
N ALA A 115 4.24 2.92 8.17
CA ALA A 115 3.48 3.98 8.79
C ALA A 115 4.08 5.33 8.46
N SER A 116 5.40 5.38 8.37
CA SER A 116 6.07 6.62 8.09
C SER A 116 5.80 7.05 6.65
N GLY A 117 5.94 6.12 5.70
CA GLY A 117 5.57 6.42 4.33
C GLY A 117 4.13 6.89 4.22
N LEU A 118 3.23 6.20 4.91
CA LEU A 118 1.84 6.58 4.81
C LEU A 118 1.59 7.94 5.44
N ALA A 119 2.20 8.22 6.60
CA ALA A 119 2.02 9.55 7.20
C ALA A 119 2.49 10.62 6.24
N HIS A 120 3.63 10.42 5.60
CA HIS A 120 4.14 11.42 4.67
C HIS A 120 3.14 11.68 3.55
N LEU A 121 2.51 10.63 3.02
CA LEU A 121 1.43 10.81 2.04
C LEU A 121 0.31 11.65 2.63
N HIS A 122 -0.15 11.31 3.83
CA HIS A 122 -1.35 11.93 4.37
C HIS A 122 -1.17 13.40 4.74
N ILE A 123 0.06 13.86 4.94
CA ILE A 123 0.33 15.15 5.58
C ILE A 123 0.67 16.18 4.50
N GLU A 124 -0.10 17.27 4.46
CA GLU A 124 0.21 18.35 3.53
C GLU A 124 1.46 19.10 3.98
N ILE A 125 2.37 19.38 3.04
CA ILE A 125 3.56 20.19 3.28
C ILE A 125 3.43 21.50 2.50
N PHE A 126 3.62 22.63 3.18
CA PHE A 126 3.48 23.96 2.56
C PHE A 126 4.82 24.52 2.11
N GLY A 127 4.82 25.15 0.93
CA GLY A 127 5.98 25.84 0.38
C GLY A 127 7.36 25.48 0.90
N GLY A 130 7.15 21.08 -0.54
CA GLY A 130 5.70 21.19 -0.58
C GLY A 130 5.00 20.06 -1.31
N LYS A 131 3.82 19.68 -0.82
CA LYS A 131 2.99 18.66 -1.45
C LYS A 131 1.61 18.75 -0.86
N PRO A 132 0.59 18.36 -1.61
CA PRO A 132 -0.75 18.25 -1.02
C PRO A 132 -0.82 17.03 -0.12
N ALA A 133 -1.92 16.94 0.62
CA ALA A 133 -2.30 15.70 1.28
C ALA A 133 -2.67 14.69 0.20
N ILE A 134 -2.32 13.42 0.44
CA ILE A 134 -2.54 12.35 -0.53
C ILE A 134 -3.09 11.14 0.20
N ALA A 135 -4.25 10.64 -0.21
CA ALA A 135 -4.69 9.31 0.21
C ALA A 135 -4.35 8.29 -0.88
N HIS A 136 -3.92 7.10 -0.46
CA HIS A 136 -3.43 6.07 -1.37
C HIS A 136 -4.57 5.31 -2.04
N ARG A 137 -5.46 4.75 -1.24
CA ARG A 137 -6.72 4.11 -1.61
C ARG A 137 -6.57 2.67 -2.13
N ASP A 138 -5.36 2.11 -2.21
CA ASP A 138 -5.20 0.70 -2.59
C ASP A 138 -4.04 0.07 -1.85
N LEU A 139 -3.90 0.38 -0.57
CA LEU A 139 -2.78 -0.11 0.21
C LEU A 139 -2.94 -1.61 0.46
N LYS A 140 -1.85 -2.36 0.29
CA LYS A 140 -1.84 -3.82 0.50
C LYS A 140 -0.40 -4.31 0.51
N SER A 141 -0.20 -5.52 1.04
CA SER A 141 1.14 -6.08 1.10
C SER A 141 1.73 -6.25 -0.29
N LYS A 142 0.89 -6.47 -1.30
CA LYS A 142 1.45 -6.59 -2.65
C LYS A 142 1.89 -5.25 -3.22
N ASN A 143 1.52 -4.12 -2.60
CA ASN A 143 1.83 -2.75 -3.04
C ASN A 143 2.99 -2.14 -2.29
N ILE A 144 3.73 -2.94 -1.54
CA ILE A 144 4.75 -2.46 -0.62
C ILE A 144 6.04 -3.20 -0.97
N LEU A 145 7.10 -2.46 -1.25
CA LEU A 145 8.38 -3.05 -1.61
C LEU A 145 9.28 -3.09 -0.39
N VAL A 146 10.03 -4.19 -0.24
CA VAL A 146 11.03 -4.31 0.81
C VAL A 146 12.38 -3.88 0.25
N LYS A 147 13.04 -2.96 0.95
CA LYS A 147 14.37 -2.50 0.57
C LYS A 147 15.47 -3.32 1.26
N LYS A 148 16.68 -3.23 0.70
CA LYS A 148 17.85 -3.87 1.30
C LYS A 148 17.93 -3.58 2.80
N ASN A 149 17.81 -2.30 3.18
CA ASN A 149 17.98 -2.00 4.61
C ASN A 149 16.85 -2.53 5.47
N GLY A 150 15.90 -3.35 5.02
CA GLY A 150 14.88 -3.83 5.93
C GLY A 150 13.69 -2.90 6.11
N GLN A 151 13.80 -1.64 5.68
CA GLN A 151 12.58 -0.83 5.62
C GLN A 151 11.82 -1.13 4.33
N CYS A 152 10.56 -0.69 4.28
CA CYS A 152 9.68 -0.81 3.13
C CYS A 152 9.45 0.55 2.47
N CYS A 153 8.86 0.51 1.27
CA CYS A 153 8.34 1.72 0.65
C CYS A 153 7.04 1.40 -0.07
N ILE A 154 6.15 2.39 -0.12
CA ILE A 154 4.81 2.26 -0.70
C ILE A 154 4.86 2.58 -2.17
N ALA A 155 4.14 1.79 -2.97
CA ALA A 155 4.10 1.95 -4.42
C ALA A 155 2.64 1.97 -4.86
N ASP A 156 2.44 2.21 -6.16
CA ASP A 156 1.14 2.13 -6.82
C ASP A 156 0.21 3.26 -6.36
N LEU A 157 0.48 4.48 -6.84
CA LEU A 157 -0.28 5.67 -6.50
C LEU A 157 -1.40 5.99 -7.49
N GLY A 158 -1.86 4.99 -8.26
CA GLY A 158 -2.79 5.26 -9.34
C GLY A 158 -4.22 5.54 -8.93
N LEU A 159 -4.62 5.18 -7.70
CA LEU A 159 -5.94 5.49 -7.18
C LEU A 159 -5.92 6.69 -6.25
N ALA A 160 -4.80 7.42 -6.22
CA ALA A 160 -4.60 8.43 -5.20
C ALA A 160 -5.56 9.60 -5.36
N VAL A 161 -5.89 10.20 -4.23
CA VAL A 161 -6.73 11.39 -4.12
C VAL A 161 -5.94 12.44 -3.37
N MET A 162 -6.13 13.70 -3.71
CA MET A 162 -5.33 14.78 -3.15
C MET A 162 -6.21 15.86 -2.57
N HIS A 163 -5.66 16.58 -1.59
CA HIS A 163 -6.37 17.69 -0.97
C HIS A 163 -5.36 18.76 -0.63
N SER A 164 -5.73 20.01 -0.84
CA SER A 164 -4.89 21.14 -0.49
C SER A 164 -5.69 22.06 0.42
N GLN A 165 -5.04 22.52 1.49
CA GLN A 165 -5.73 23.45 2.39
C GLN A 165 -5.86 24.84 1.79
N SER A 166 -4.95 25.25 0.89
CA SER A 166 -4.99 26.61 0.37
C SER A 166 -6.30 26.88 -0.37
N THR A 167 -6.71 25.95 -1.22
CA THR A 167 -7.96 26.05 -1.96
C THR A 167 -9.09 25.23 -1.35
N ASN A 168 -8.79 24.36 -0.40
CA ASN A 168 -9.77 23.41 0.12
C ASN A 168 -10.40 22.60 -1.00
N GLN A 169 -9.60 22.27 -2.01
CA GLN A 169 -10.07 21.49 -3.15
C GLN A 169 -9.71 20.01 -2.97
N LEU A 170 -10.74 19.17 -3.06
CA LEU A 170 -10.56 17.73 -3.13
C LEU A 170 -10.44 17.33 -4.59
N ASP A 171 -9.36 16.62 -4.92
CA ASP A 171 -9.06 16.19 -6.28
C ASP A 171 -9.13 14.67 -6.31
N VAL A 172 -10.28 14.13 -6.73
CA VAL A 172 -10.46 12.68 -6.74
C VAL A 172 -10.10 12.06 -8.09
N GLY A 173 -9.79 12.86 -9.09
CA GLY A 173 -9.38 12.29 -10.35
C GLY A 173 -10.54 11.59 -11.03
N ASN A 174 -10.20 10.84 -12.08
CA ASN A 174 -11.18 10.25 -12.99
C ASN A 174 -10.68 8.85 -13.33
N ASN A 175 -10.90 7.93 -12.44
CA ASN A 175 -10.42 6.56 -12.58
C ASN A 175 -11.52 5.60 -12.22
N PRO A 176 -12.02 4.79 -13.16
CA PRO A 176 -13.02 3.80 -12.79
C PRO A 176 -12.47 2.71 -11.85
N ARG A 177 -11.17 2.48 -11.85
CA ARG A 177 -10.55 1.46 -11.01
C ARG A 177 -11.00 1.63 -9.56
N VAL A 178 -11.34 0.52 -8.91
CA VAL A 178 -11.55 0.51 -7.47
C VAL A 178 -10.45 -0.35 -6.81
N GLY A 179 -10.37 -0.24 -5.49
CA GLY A 179 -9.30 -0.87 -4.74
C GLY A 179 -9.41 -2.39 -4.72
N THR A 180 -8.32 -2.99 -4.29
CA THR A 180 -8.31 -4.43 -4.03
C THR A 180 -9.43 -4.77 -3.05
N LYS A 181 -10.25 -5.75 -3.43
CA LYS A 181 -11.49 -6.01 -2.68
C LYS A 181 -11.20 -6.60 -1.31
N ARG A 182 -10.20 -7.48 -1.21
CA ARG A 182 -9.87 -8.06 0.09
C ARG A 182 -9.65 -7.00 1.15
N TYR A 183 -9.04 -5.87 0.77
CA TYR A 183 -8.61 -4.84 1.70
C TYR A 183 -9.59 -3.66 1.82
N MET A 184 -10.77 -3.73 1.20
CA MET A 184 -11.72 -2.62 1.21
C MET A 184 -12.36 -2.44 2.59
N ALA A 185 -12.26 -1.22 3.14
CA ALA A 185 -12.91 -0.93 4.41
C ALA A 185 -14.43 -1.06 4.26
N PRO A 186 -15.15 -1.31 5.36
CA PRO A 186 -16.60 -1.53 5.27
C PRO A 186 -17.36 -0.42 4.55
N GLU A 187 -17.04 0.85 4.86
CA GLU A 187 -17.76 1.96 4.24
C GLU A 187 -17.54 1.99 2.74
N VAL A 188 -16.44 1.43 2.24
CA VAL A 188 -16.31 1.28 0.80
C VAL A 188 -17.21 0.15 0.32
N LEU A 189 -17.29 -0.95 1.08
CA LEU A 189 -18.06 -2.10 0.62
C LEU A 189 -19.56 -1.81 0.64
N ASP A 190 -20.07 -1.24 1.74
CA ASP A 190 -21.47 -0.83 1.81
C ASP A 190 -21.70 0.57 1.21
N GLU A 191 -20.74 1.09 0.45
CA GLU A 191 -20.90 2.28 -0.40
C GLU A 191 -21.44 3.48 0.37
N THR A 192 -21.18 3.56 1.68
CA THR A 192 -21.58 4.73 2.46
C THR A 192 -20.47 5.74 2.68
N ILE A 193 -19.22 5.41 2.34
CA ILE A 193 -18.10 6.35 2.48
C ILE A 193 -18.51 7.73 1.99
N GLN A 194 -18.22 8.78 2.77
CA GLN A 194 -18.56 10.15 2.36
C GLN A 194 -17.50 10.63 1.38
N VAL A 195 -17.85 10.60 0.08
CA VAL A 195 -16.85 10.80 -0.96
C VAL A 195 -16.33 12.22 -1.02
N ASP A 196 -17.06 13.20 -0.46
CA ASP A 196 -16.68 14.61 -0.51
C ASP A 196 -15.65 15.00 0.53
N CYS A 197 -15.41 14.16 1.54
CA CYS A 197 -14.52 14.53 2.65
C CYS A 197 -13.20 13.78 2.49
N PHE A 198 -12.12 14.54 2.37
CA PHE A 198 -10.81 13.93 2.17
C PHE A 198 -10.50 12.93 3.28
N ASP A 199 -10.92 13.24 4.51
CA ASP A 199 -10.67 12.37 5.65
C ASP A 199 -11.15 10.96 5.42
N SER A 200 -12.24 10.79 4.67
CA SER A 200 -12.76 9.45 4.43
C SER A 200 -11.73 8.57 3.75
N TYR A 201 -10.92 9.15 2.86
CA TYR A 201 -9.93 8.36 2.13
C TYR A 201 -8.73 8.02 2.99
N LYS A 202 -8.26 8.96 3.81
CA LYS A 202 -7.26 8.60 4.80
C LYS A 202 -7.75 7.45 5.68
N ARG A 203 -9.03 7.47 6.07
CA ARG A 203 -9.53 6.41 6.95
C ARG A 203 -9.59 5.06 6.25
N VAL A 204 -9.71 5.05 4.92
CA VAL A 204 -9.67 3.82 4.13
C VAL A 204 -8.26 3.26 4.10
N ASP A 205 -7.27 4.15 4.01
CA ASP A 205 -5.88 3.68 4.06
C ASP A 205 -5.52 3.10 5.42
N ILE A 206 -6.10 3.65 6.49
CA ILE A 206 -5.80 3.15 7.83
C ILE A 206 -6.38 1.76 8.04
N TRP A 207 -7.63 1.55 7.59
CA TRP A 207 -8.23 0.22 7.64
C TRP A 207 -7.34 -0.80 6.95
N ALA A 208 -6.90 -0.48 5.73
CA ALA A 208 -6.02 -1.35 4.97
C ALA A 208 -4.68 -1.51 5.69
N PHE A 209 -4.20 -0.44 6.33
CA PHE A 209 -2.93 -0.56 7.03
C PHE A 209 -3.04 -1.54 8.18
N GLY A 210 -4.20 -1.58 8.83
CA GLY A 210 -4.38 -2.53 9.91
C GLY A 210 -4.31 -3.97 9.42
N LEU A 211 -4.83 -4.21 8.21
CA LEU A 211 -4.75 -5.55 7.64
C LEU A 211 -3.30 -5.93 7.39
N VAL A 212 -2.52 -5.02 6.80
CA VAL A 212 -1.11 -5.29 6.56
C VAL A 212 -0.38 -5.51 7.87
N LEU A 213 -0.62 -4.63 8.85
CA LEU A 213 -0.02 -4.82 10.16
C LEU A 213 -0.32 -6.22 10.69
N TRP A 214 -1.56 -6.69 10.52
CA TRP A 214 -1.91 -8.04 10.93
C TRP A 214 -1.08 -9.09 10.19
N GLU A 215 -0.96 -8.95 8.86
CA GLU A 215 -0.19 -9.91 8.07
C GLU A 215 1.24 -10.03 8.56
N VAL A 216 1.83 -8.91 8.97
CA VAL A 216 3.24 -8.88 9.36
C VAL A 216 3.42 -9.51 10.74
N ALA A 217 2.71 -8.97 11.74
CA ALA A 217 2.75 -9.48 13.10
C ALA A 217 2.70 -11.01 13.15
N ARG A 218 1.76 -11.61 12.43
CA ARG A 218 1.66 -13.07 12.30
C ARG A 218 2.99 -13.74 12.01
N ARG A 219 3.87 -13.10 11.24
CA ARG A 219 5.11 -13.72 10.85
C ARG A 219 6.25 -13.42 11.83
N MET A 220 5.95 -12.87 12.99
CA MET A 220 6.96 -12.63 14.01
C MET A 220 7.04 -13.83 14.94
N VAL A 221 8.25 -14.33 15.16
CA VAL A 221 8.44 -15.44 16.09
C VAL A 221 8.31 -14.90 17.51
N SER A 222 7.39 -15.50 18.29
CA SER A 222 7.28 -15.25 19.73
C SER A 222 7.09 -16.59 20.45
N ASN A 223 7.84 -16.79 21.54
CA ASN A 223 7.81 -18.07 22.27
C ASN A 223 8.21 -19.20 21.34
N GLY A 224 9.17 -18.93 20.46
CA GLY A 224 9.65 -19.86 19.46
C GLY A 224 8.66 -20.28 18.38
N ILE A 225 7.46 -19.68 18.31
CA ILE A 225 6.46 -20.12 17.35
C ILE A 225 6.06 -18.97 16.44
N VAL A 226 5.38 -19.33 15.35
CA VAL A 226 5.06 -18.39 14.28
C VAL A 226 3.97 -19.01 13.45
N GLU A 227 3.19 -18.17 12.77
CA GLU A 227 2.14 -18.65 11.88
C GLU A 227 2.64 -18.72 10.44
N ASP A 228 2.04 -19.60 9.65
CA ASP A 228 2.23 -19.52 8.20
C ASP A 228 1.68 -18.20 7.71
N TYR A 229 2.26 -17.66 6.65
CA TYR A 229 1.63 -16.51 6.03
C TYR A 229 0.22 -16.87 5.60
N LYS A 230 -0.71 -15.95 5.85
CA LYS A 230 -2.06 -16.00 5.33
C LYS A 230 -2.50 -14.58 5.03
N PRO A 231 -3.29 -14.37 3.98
CA PRO A 231 -3.80 -13.01 3.69
C PRO A 231 -4.97 -12.70 4.61
N PRO A 232 -5.32 -11.41 4.77
CA PRO A 232 -6.49 -11.06 5.61
C PRO A 232 -7.73 -11.81 5.16
N PHE A 233 -8.48 -12.32 6.14
CA PHE A 233 -9.74 -13.03 5.88
C PHE A 233 -9.55 -14.29 5.05
N TYR A 234 -8.34 -14.87 5.05
CA TYR A 234 -8.06 -16.09 4.31
C TYR A 234 -9.03 -17.23 4.63
N ASP A 235 -9.65 -17.20 5.81
CA ASP A 235 -10.45 -18.32 6.27
C ASP A 235 -11.94 -18.14 6.04
N VAL A 236 -12.36 -17.04 5.40
CA VAL A 236 -13.79 -16.78 5.24
C VAL A 236 -14.13 -16.35 3.81
N VAL A 237 -13.12 -16.14 2.97
CA VAL A 237 -13.39 -15.80 1.57
C VAL A 237 -12.41 -16.55 0.68
N PRO A 238 -12.85 -16.86 -0.53
CA PRO A 238 -11.97 -17.55 -1.49
C PRO A 238 -10.87 -16.63 -1.97
N ASN A 239 -9.89 -17.22 -2.66
CA ASN A 239 -9.01 -16.38 -3.44
C ASN A 239 -9.83 -15.52 -4.38
N ASP A 240 -9.24 -14.41 -4.83
CA ASP A 240 -9.89 -13.44 -5.68
C ASP A 240 -11.31 -13.20 -5.15
N PRO A 241 -11.47 -12.73 -3.92
CA PRO A 241 -12.81 -12.62 -3.34
C PRO A 241 -13.65 -11.63 -4.14
N SER A 242 -14.95 -11.89 -4.18
CA SER A 242 -15.84 -11.00 -4.92
C SER A 242 -16.29 -9.86 -4.03
N PHE A 243 -16.96 -8.89 -4.67
CA PHE A 243 -17.44 -7.70 -3.95
C PHE A 243 -18.45 -8.07 -2.88
N GLU A 244 -19.41 -8.94 -3.20
CA GLU A 244 -20.37 -9.39 -2.20
C GLU A 244 -19.72 -10.33 -1.19
N ASP A 245 -18.76 -11.14 -1.64
CA ASP A 245 -17.95 -11.91 -0.71
C ASP A 245 -17.43 -11.02 0.41
N MET A 246 -16.79 -9.90 0.07
CA MET A 246 -16.20 -9.06 1.09
C MET A 246 -17.27 -8.37 1.93
N ARG A 247 -18.34 -7.87 1.31
CA ARG A 247 -19.33 -7.10 2.05
C ARG A 247 -20.01 -7.97 3.11
N LYS A 248 -20.40 -9.20 2.74
CA LYS A 248 -21.00 -10.10 3.72
C LYS A 248 -20.09 -10.31 4.91
N VAL A 249 -18.79 -10.53 4.67
CA VAL A 249 -17.86 -10.75 5.78
C VAL A 249 -17.66 -9.47 6.58
N VAL A 250 -17.41 -8.36 5.90
CA VAL A 250 -16.97 -7.14 6.58
C VAL A 250 -18.15 -6.33 7.10
N CYS A 251 -19.20 -6.19 6.30
CA CYS A 251 -20.29 -5.29 6.65
C CYS A 251 -21.39 -6.01 7.43
N VAL A 252 -21.85 -7.16 6.92
CA VAL A 252 -22.93 -7.88 7.56
C VAL A 252 -22.45 -8.62 8.80
N ASP A 253 -21.51 -9.56 8.63
CA ASP A 253 -20.97 -10.29 9.77
C ASP A 253 -20.05 -9.42 10.61
N GLN A 254 -19.47 -8.36 10.04
CA GLN A 254 -18.58 -7.46 10.76
C GLN A 254 -17.43 -8.23 11.39
N GLN A 255 -16.76 -9.04 10.58
CA GLN A 255 -15.64 -9.82 11.05
C GLN A 255 -14.35 -9.00 10.99
N ARG A 256 -13.37 -9.42 11.77
CA ARG A 256 -12.02 -8.90 11.74
C ARG A 256 -11.04 -10.06 11.73
N PRO A 257 -9.85 -9.87 11.15
CA PRO A 257 -8.83 -10.92 11.25
C PRO A 257 -8.62 -11.25 12.72
N ASN A 258 -8.42 -12.54 13.01
CA ASN A 258 -8.37 -12.97 14.40
C ASN A 258 -7.08 -12.57 15.07
N ILE A 259 -7.20 -12.08 16.31
CA ILE A 259 -6.06 -11.72 17.14
C ILE A 259 -5.93 -12.75 18.27
N PRO A 260 -5.00 -13.70 18.17
CA PRO A 260 -4.83 -14.68 19.25
C PRO A 260 -4.72 -14.01 20.62
N ASN A 261 -5.38 -14.59 21.62
CA ASN A 261 -5.32 -14.03 22.97
C ASN A 261 -3.89 -14.02 23.49
N ARG A 262 -3.12 -15.07 23.20
CA ARG A 262 -1.73 -15.14 23.65
C ARG A 262 -0.96 -13.86 23.33
N TRP A 263 -1.29 -13.20 22.22
CA TRP A 263 -0.58 -11.99 21.83
C TRP A 263 -0.55 -10.98 22.96
N PHE A 264 -1.57 -10.99 23.82
CA PHE A 264 -1.62 -10.00 24.90
C PHE A 264 -0.71 -10.36 26.07
N SER A 265 0.06 -11.43 25.96
CA SER A 265 1.12 -11.70 26.91
C SER A 265 2.50 -11.37 26.37
N ASP A 266 2.59 -10.99 25.09
CA ASP A 266 3.87 -10.63 24.48
C ASP A 266 3.94 -9.12 24.39
N PRO A 267 4.99 -8.47 24.92
CA PRO A 267 5.02 -7.02 24.91
C PRO A 267 4.81 -6.48 23.49
N THR A 268 5.62 -6.93 22.52
CA THR A 268 5.55 -6.36 21.17
C THR A 268 4.20 -6.65 20.51
N LEU A 269 3.76 -7.91 20.52
CA LEU A 269 2.51 -8.24 19.85
C LEU A 269 1.35 -7.52 20.49
N THR A 270 1.46 -7.21 21.78
CA THR A 270 0.40 -6.46 22.47
C THR A 270 0.23 -5.06 21.90
N SER A 271 1.35 -4.34 21.72
CA SER A 271 1.24 -3.03 21.09
C SER A 271 0.68 -3.15 19.68
N LEU A 272 1.15 -4.14 18.91
CA LEU A 272 0.69 -4.30 17.53
C LEU A 272 -0.81 -4.62 17.50
N ALA A 273 -1.25 -5.56 18.34
CA ALA A 273 -2.66 -5.95 18.33
C ALA A 273 -3.55 -4.80 18.74
N LYS A 274 -3.10 -3.99 19.71
CA LYS A 274 -3.87 -2.81 20.07
C LYS A 274 -3.98 -1.84 18.88
N LEU A 275 -2.86 -1.61 18.19
CA LEU A 275 -2.90 -0.76 17.00
C LEU A 275 -3.90 -1.28 15.98
N MET A 276 -3.79 -2.57 15.61
CA MET A 276 -4.65 -3.05 14.53
C MET A 276 -6.12 -2.92 14.90
N LYS A 277 -6.46 -3.23 16.14
CA LYS A 277 -7.86 -3.10 16.55
C LYS A 277 -8.37 -1.66 16.37
N GLU A 278 -7.52 -0.66 16.58
CA GLU A 278 -7.92 0.72 16.40
C GLU A 278 -7.76 1.21 14.97
N CYS A 279 -7.35 0.33 14.04
CA CYS A 279 -7.48 0.58 12.62
C CYS A 279 -8.77 -0.01 12.06
N TRP A 280 -9.44 -0.88 12.80
CA TRP A 280 -10.55 -1.66 12.30
C TRP A 280 -11.91 -1.26 12.85
N TYR A 281 -11.98 -0.23 13.68
CA TYR A 281 -13.29 0.27 14.09
C TYR A 281 -14.18 0.39 12.87
N GLN A 282 -15.41 -0.11 12.99
CA GLN A 282 -16.32 0.00 11.85
C GLN A 282 -16.74 1.44 11.60
N ASN A 283 -16.67 2.30 12.62
CA ASN A 283 -16.90 3.73 12.49
C ASN A 283 -15.61 4.40 12.02
N PRO A 284 -15.55 4.85 10.77
CA PRO A 284 -14.28 5.36 10.25
C PRO A 284 -13.67 6.44 11.10
N SER A 285 -14.48 7.28 11.77
CA SER A 285 -13.94 8.37 12.57
C SER A 285 -13.24 7.88 13.83
N ALA A 286 -13.52 6.66 14.27
CA ALA A 286 -12.88 6.13 15.48
C ALA A 286 -11.44 5.72 15.21
N ARG A 287 -11.04 5.52 13.95
CA ARG A 287 -9.75 4.95 13.62
C ARG A 287 -8.60 5.92 13.91
N LEU A 288 -7.48 5.37 14.34
CA LEU A 288 -6.28 6.18 14.49
C LEU A 288 -5.94 6.87 13.17
N THR A 289 -5.15 7.94 13.26
CA THR A 289 -4.51 8.54 12.10
C THR A 289 -3.15 7.91 11.86
N ALA A 290 -2.64 8.11 10.64
CA ALA A 290 -1.34 7.54 10.29
C ALA A 290 -0.26 8.11 11.19
N LEU A 291 -0.31 9.41 11.46
CA LEU A 291 0.71 10.04 12.30
C LEU A 291 0.71 9.42 13.71
N ARG A 292 -0.47 9.15 14.27
CA ARG A 292 -0.53 8.54 15.60
C ARG A 292 0.07 7.14 15.57
N ILE A 293 -0.24 6.38 14.52
CA ILE A 293 0.38 5.06 14.38
C ILE A 293 1.90 5.18 14.34
N LYS A 294 2.42 6.13 13.54
CA LYS A 294 3.87 6.30 13.47
C LYS A 294 4.48 6.58 14.84
N LYS A 295 3.86 7.50 15.62
CA LYS A 295 4.40 7.84 16.93
C LYS A 295 4.41 6.62 17.85
N THR A 296 3.30 5.89 17.90
CA THR A 296 3.20 4.71 18.74
C THR A 296 4.30 3.70 18.40
N LEU A 297 4.43 3.34 17.12
CA LEU A 297 5.46 2.39 16.70
C LEU A 297 6.85 2.91 16.96
N THR A 298 7.05 4.20 16.83
CA THR A 298 8.34 4.81 17.13
C THR A 298 8.76 4.55 18.57
N LYS A 299 7.78 4.37 19.46
CA LYS A 299 8.05 4.20 20.89
C LYS A 299 8.26 2.74 21.27
N ILE A 300 7.82 1.80 20.45
CA ILE A 300 7.82 0.40 20.84
C ILE A 300 9.26 -0.12 20.88
N ASP A 301 9.43 -1.22 21.61
CA ASP A 301 10.70 -1.94 21.70
C ASP A 301 10.49 -3.41 21.37
#